data_6CQA
#
_entry.id   6CQA
#
_cell.length_a   64.651
_cell.length_b   64.651
_cell.length_c   215.726
_cell.angle_alpha   90.000
_cell.angle_beta   90.000
_cell.angle_gamma   120.000
#
_symmetry.space_group_name_H-M   'P 61 2 2'
#
loop_
_entity.id
_entity.type
_entity.pdbx_description
1 polymer 'Dihydrofolate reductase'
2 non-polymer 'SULFATE ION'
3 non-polymer 7-[(3-aminophenyl)methyl]-7H-pyrrolo[3,2-f]quinazoline-1,3-diamine
4 water water
#
_entity_poly.entity_id   1
_entity_poly.type   'polypeptide(L)'
_entity_poly.pdbx_seq_one_letter_code
;MISLIAALAVDRVIGMENAMPWNLPADLAWFKRNTLNKPVIMGRHTWESIGRPLPGRKNIILSSQPGTDDRVTWVKSVDE
AIAACGDVPEIMVIGGGRVYEQFLPKAQKLYLTHIDAEVEGDTHFPDYEPDDWESVFSEFHDADAQNSHSYCFEILERRH
HHHHH
;
_entity_poly.pdbx_strand_id   A
#
loop_
_chem_comp.id
_chem_comp.type
_chem_comp.name
_chem_comp.formula
PQD non-polymer 7-[(3-aminophenyl)methyl]-7H-pyrrolo[3,2-f]quinazoline-1,3-diamine 'C17 H16 N6'
SO4 non-polymer 'SULFATE ION' 'O4 S -2'
#
# COMPACT_ATOMS: atom_id res chain seq x y z
N MET A 1 13.87 6.81 0.56
CA MET A 1 13.08 6.79 1.83
C MET A 1 11.83 5.93 1.64
N ILE A 2 11.27 5.41 2.74
CA ILE A 2 10.22 4.40 2.67
C ILE A 2 8.82 4.97 2.93
N SER A 3 7.91 4.74 1.98
CA SER A 3 6.52 5.14 2.09
C SER A 3 5.59 3.94 2.07
N LEU A 4 4.52 3.99 2.87
CA LEU A 4 3.45 3.01 2.80
C LEU A 4 2.24 3.60 2.11
N ILE A 5 1.66 2.85 1.17
CA ILE A 5 0.42 3.24 0.51
C ILE A 5 -0.64 2.17 0.74
N ALA A 6 -1.84 2.59 1.14
CA ALA A 6 -2.90 1.65 1.51
C ALA A 6 -4.30 2.26 1.39
N ALA A 7 -5.27 1.42 1.01
CA ALA A 7 -6.68 1.79 1.06
C ALA A 7 -7.31 1.23 2.33
N LEU A 8 -7.85 2.13 3.15
CA LEU A 8 -8.44 1.77 4.43
C LEU A 8 -9.94 2.00 4.45
N ALA A 9 -10.69 1.01 4.97
CA ALA A 9 -12.11 1.22 5.25
C ALA A 9 -12.24 1.77 6.66
N VAL A 10 -13.46 1.89 7.15
CA VAL A 10 -13.68 2.45 8.48
C VAL A 10 -13.05 1.52 9.50
N ASP A 11 -12.61 2.09 10.62
CA ASP A 11 -11.86 1.36 11.64
C ASP A 11 -10.54 0.82 11.07
N ARG A 12 -10.05 1.47 10.03
CA ARG A 12 -8.73 1.15 9.45
C ARG A 12 -8.65 -0.30 8.95
N VAL A 13 -9.77 -0.84 8.51
CA VAL A 13 -9.80 -2.18 7.94
C VAL A 13 -9.20 -2.16 6.55
N ILE A 14 -8.31 -3.10 6.29
CA ILE A 14 -7.69 -3.24 4.99
C ILE A 14 -7.95 -4.64 4.44
N GLY A 15 -8.09 -4.73 3.12
CA GLY A 15 -8.32 -6.01 2.48
C GLY A 15 -7.64 -5.98 1.13
N MET A 16 -7.91 -6.96 0.28
CA MET A 16 -7.34 -6.98 -1.06
C MET A 16 -8.06 -7.94 -1.99
N GLU A 17 -8.92 -7.38 -2.81
CA GLU A 17 -9.61 -8.13 -3.85
C GLU A 17 -9.96 -7.21 -5.01
N ASN A 18 -10.30 -7.79 -6.15
CA ASN A 18 -10.85 -7.02 -7.27
C ASN A 18 -12.34 -6.83 -7.08
N ALA A 19 -12.76 -6.70 -5.82
CA ALA A 19 -14.17 -6.51 -5.49
C ALA A 19 -14.35 -5.40 -4.45
N MET A 20 -15.60 -5.19 -4.06
CA MET A 20 -15.95 -4.18 -3.08
C MET A 20 -15.24 -4.42 -1.75
N PRO A 21 -14.78 -3.34 -1.10
CA PRO A 21 -14.84 -1.98 -1.63
C PRO A 21 -13.45 -1.41 -1.91
N TRP A 22 -12.51 -2.24 -2.37
CA TRP A 22 -11.16 -1.78 -2.63
C TRP A 22 -10.83 -1.77 -4.11
N ASN A 23 -11.86 -1.82 -4.95
CA ASN A 23 -11.66 -1.79 -6.39
C ASN A 23 -12.17 -0.49 -7.03
N LEU A 24 -12.22 0.58 -6.23
CA LEU A 24 -12.68 1.88 -6.73
C LEU A 24 -11.72 2.44 -7.78
N PRO A 25 -12.21 2.70 -9.00
CA PRO A 25 -11.32 3.16 -10.08
C PRO A 25 -10.43 4.32 -9.72
N ALA A 26 -10.95 5.24 -8.91
CA ALA A 26 -10.23 6.46 -8.57
C ALA A 26 -9.10 6.19 -7.57
N ASP A 27 -9.29 5.19 -6.70
CA ASP A 27 -8.22 4.78 -5.78
C ASP A 27 -7.14 4.04 -6.55
N LEU A 28 -7.53 3.34 -7.59
CA LEU A 28 -6.58 2.65 -8.44
C LEU A 28 -5.68 3.65 -9.14
N ALA A 29 -6.28 4.72 -9.68
CA ALA A 29 -5.52 5.72 -10.43
C ALA A 29 -4.53 6.43 -9.50
N TRP A 30 -4.98 6.73 -8.30
CA TRP A 30 -4.13 7.33 -7.29
C TRP A 30 -2.95 6.44 -6.98
N PHE A 31 -3.21 5.14 -6.89
CA PHE A 31 -2.20 4.17 -6.54
C PHE A 31 -1.15 4.07 -7.64
N LYS A 32 -1.61 3.98 -8.89
CA LYS A 32 -0.74 3.96 -10.05
C LYS A 32 0.18 5.17 -10.04
N ARG A 33 -0.39 6.36 -9.96
CA ARG A 33 0.39 7.57 -10.08
C ARG A 33 1.46 7.66 -9.00
N ASN A 34 1.13 7.23 -7.79
CA ASN A 34 2.03 7.41 -6.66
C ASN A 34 3.09 6.33 -6.55
N THR A 35 2.97 5.26 -7.35
CA THR A 35 3.94 4.17 -7.34
C THR A 35 4.66 4.03 -8.67
N LEU A 36 4.23 4.77 -9.69
CA LEU A 36 4.83 4.66 -11.00
C LEU A 36 6.31 5.05 -10.98
N ASN A 37 7.15 4.21 -11.57
CA ASN A 37 8.59 4.43 -11.65
C ASN A 37 9.25 4.44 -10.28
N LYS A 38 8.66 3.69 -9.34
CA LYS A 38 9.25 3.49 -8.03
C LYS A 38 9.26 2.01 -7.73
N PRO A 39 10.25 1.55 -6.95
CA PRO A 39 10.20 0.15 -6.50
C PRO A 39 9.02 -0.10 -5.57
N VAL A 40 8.35 -1.24 -5.73
CA VAL A 40 7.27 -1.61 -4.82
C VAL A 40 7.62 -2.90 -4.05
N ILE A 41 7.42 -2.86 -2.74
CA ILE A 41 7.57 -4.03 -1.88
C ILE A 41 6.18 -4.52 -1.46
N MET A 42 5.98 -5.84 -1.43
CA MET A 42 4.67 -6.37 -1.12
C MET A 42 4.76 -7.78 -0.54
N GLY A 43 3.71 -8.17 0.18
CA GLY A 43 3.57 -9.52 0.68
C GLY A 43 3.14 -10.48 -0.41
N ARG A 44 3.07 -11.77 -0.07
CA ARG A 44 2.75 -12.79 -1.06
C ARG A 44 1.27 -12.73 -1.47
N HIS A 45 0.38 -12.52 -0.51
CA HIS A 45 -1.05 -12.43 -0.80
C HIS A 45 -1.36 -11.23 -1.70
N THR A 46 -0.66 -10.13 -1.48
CA THR A 46 -0.81 -8.94 -2.32
C THR A 46 -0.28 -9.20 -3.72
N TRP A 47 0.76 -10.03 -3.82
CA TRP A 47 1.35 -10.36 -5.12
C TRP A 47 0.40 -11.21 -5.95
N GLU A 48 -0.23 -12.17 -5.30
CA GLU A 48 -1.25 -12.99 -5.93
C GLU A 48 -2.45 -12.13 -6.30
N SER A 49 -2.77 -11.16 -5.43
CA SER A 49 -3.91 -10.26 -5.63
C SER A 49 -3.81 -9.40 -6.90
N ILE A 50 -2.62 -9.36 -7.50
CA ILE A 50 -2.38 -8.60 -8.74
C ILE A 50 -2.13 -9.54 -9.92
N GLY A 51 -1.63 -10.74 -9.62
CA GLY A 51 -1.39 -11.78 -10.61
C GLY A 51 -0.44 -11.41 -11.74
N ARG A 52 0.25 -10.29 -11.59
CA ARG A 52 1.06 -9.75 -12.68
C ARG A 52 1.96 -8.66 -12.13
N PRO A 53 3.23 -8.62 -12.55
CA PRO A 53 4.06 -7.54 -12.03
C PRO A 53 3.55 -6.17 -12.49
N LEU A 54 3.77 -5.15 -11.68
CA LEU A 54 3.45 -3.78 -12.05
C LEU A 54 4.49 -3.25 -13.02
N PRO A 55 4.06 -2.74 -14.20
CA PRO A 55 5.02 -2.29 -15.21
C PRO A 55 5.92 -1.15 -14.73
N GLY A 56 7.09 -1.01 -15.35
CA GLY A 56 7.96 0.14 -15.10
C GLY A 56 8.29 0.35 -13.64
N ARG A 57 8.19 -0.71 -12.87
CA ARG A 57 8.47 -0.69 -11.44
C ARG A 57 9.22 -1.97 -11.14
N LYS A 58 10.18 -1.93 -10.23
CA LYS A 58 10.81 -3.14 -9.75
C LYS A 58 9.90 -3.72 -8.67
N ASN A 59 9.46 -4.97 -8.88
CA ASN A 59 8.55 -5.64 -7.95
C ASN A 59 9.33 -6.53 -6.99
N ILE A 60 9.18 -6.29 -5.69
CA ILE A 60 9.88 -7.08 -4.68
C ILE A 60 8.86 -7.74 -3.74
N ILE A 61 8.93 -9.07 -3.65
CA ILE A 61 8.02 -9.86 -2.83
C ILE A 61 8.67 -10.39 -1.55
N LEU A 62 8.28 -9.85 -0.40
CA LEU A 62 8.72 -10.36 0.89
C LEU A 62 7.89 -11.58 1.30
N SER A 63 8.55 -12.73 1.39
CA SER A 63 7.92 -13.98 1.79
C SER A 63 8.93 -14.97 2.34
N SER A 64 8.52 -15.74 3.34
CA SER A 64 9.35 -16.81 3.91
C SER A 64 9.52 -17.98 2.94
N GLN A 65 8.60 -18.10 2.00
CA GLN A 65 8.61 -19.18 1.02
C GLN A 65 9.42 -18.83 -0.22
N PRO A 66 9.93 -19.84 -0.94
CA PRO A 66 10.67 -19.57 -2.18
C PRO A 66 9.78 -19.03 -3.29
N GLY A 67 10.36 -18.39 -4.29
CA GLY A 67 9.59 -17.71 -5.32
C GLY A 67 9.06 -18.66 -6.37
N THR A 68 8.02 -18.22 -7.06
CA THR A 68 7.37 -19.02 -8.10
C THR A 68 7.18 -18.21 -9.36
N ASP A 69 7.89 -17.09 -9.44
CA ASP A 69 7.81 -16.20 -10.60
C ASP A 69 9.11 -15.41 -10.75
N ASP A 70 9.77 -15.57 -11.88
CA ASP A 70 11.09 -14.97 -12.10
C ASP A 70 10.99 -13.53 -12.61
N ARG A 71 9.77 -13.08 -12.92
CA ARG A 71 9.56 -11.71 -13.39
C ARG A 71 9.69 -10.70 -12.26
N VAL A 72 9.82 -11.22 -11.03
CA VAL A 72 9.87 -10.37 -9.84
C VAL A 72 10.97 -10.87 -8.92
N THR A 73 11.33 -10.04 -7.93
CA THR A 73 12.40 -10.36 -6.99
C THR A 73 11.82 -10.86 -5.68
N TRP A 74 12.25 -12.04 -5.24
CA TRP A 74 11.81 -12.62 -3.97
C TRP A 74 12.89 -12.52 -2.88
N VAL A 75 12.49 -12.10 -1.68
CA VAL A 75 13.40 -11.90 -0.55
C VAL A 75 12.75 -12.41 0.72
N LYS A 76 13.52 -12.48 1.82
CA LYS A 76 13.04 -13.14 3.03
C LYS A 76 13.08 -12.23 4.26
N SER A 77 13.56 -11.00 4.07
CA SER A 77 13.76 -10.08 5.18
C SER A 77 13.51 -8.64 4.77
N VAL A 78 13.20 -7.82 5.76
CA VAL A 78 12.98 -6.40 5.54
C VAL A 78 14.22 -5.74 4.93
N ASP A 79 15.39 -5.99 5.52
CA ASP A 79 16.61 -5.32 5.04
C ASP A 79 17.01 -5.80 3.64
N GLU A 80 16.72 -7.06 3.33
CA GLU A 80 16.94 -7.58 1.99
C GLU A 80 15.98 -6.90 1.00
N ALA A 81 14.73 -6.69 1.43
CA ALA A 81 13.76 -6.02 0.57
C ALA A 81 14.24 -4.60 0.24
N ILE A 82 14.70 -3.88 1.26
CA ILE A 82 15.17 -2.51 1.07
C ILE A 82 16.39 -2.45 0.15
N ALA A 83 17.35 -3.35 0.36
CA ALA A 83 18.58 -3.34 -0.43
C ALA A 83 18.26 -3.65 -1.88
N ALA A 84 17.24 -4.48 -2.08
CA ALA A 84 16.87 -4.87 -3.42
C ALA A 84 16.31 -3.70 -4.21
N CYS A 85 16.03 -2.58 -3.55
CA CYS A 85 15.52 -1.41 -4.27
C CYS A 85 16.61 -0.55 -4.88
N GLY A 86 17.80 -0.58 -4.29
CA GLY A 86 18.91 0.22 -4.78
C GLY A 86 18.86 1.62 -4.22
N ASP A 87 19.58 2.54 -4.86
CA ASP A 87 19.60 3.93 -4.42
C ASP A 87 18.49 4.68 -5.16
N VAL A 88 17.37 4.86 -4.47
CA VAL A 88 16.21 5.54 -5.06
C VAL A 88 15.62 6.51 -4.04
N PRO A 89 14.99 7.59 -4.53
CA PRO A 89 14.42 8.58 -3.61
C PRO A 89 13.27 8.04 -2.77
N GLU A 90 12.45 7.18 -3.36
CA GLU A 90 11.27 6.68 -2.66
C GLU A 90 10.95 5.21 -2.95
N ILE A 91 10.84 4.44 -1.87
CA ILE A 91 10.40 3.05 -1.89
C ILE A 91 8.92 2.97 -1.49
N MET A 92 8.11 2.24 -2.25
CA MET A 92 6.68 2.16 -1.96
C MET A 92 6.30 0.78 -1.45
N VAL A 93 5.84 0.71 -0.21
CA VAL A 93 5.37 -0.54 0.37
C VAL A 93 3.86 -0.63 0.17
N ILE A 94 3.40 -1.62 -0.59
CA ILE A 94 2.02 -1.64 -1.03
C ILE A 94 1.10 -2.69 -0.37
N GLY A 95 1.51 -3.23 0.79
CA GLY A 95 0.69 -4.20 1.52
C GLY A 95 1.32 -5.59 1.50
N GLY A 96 0.73 -6.58 2.17
CA GLY A 96 -0.51 -6.44 2.91
C GLY A 96 -0.27 -6.17 4.38
N GLY A 97 -1.23 -6.55 5.22
CA GLY A 97 -1.23 -6.21 6.64
C GLY A 97 0.09 -6.45 7.36
N ARG A 98 0.63 -7.66 7.28
CA ARG A 98 1.84 -7.99 8.01
C ARG A 98 3.04 -7.18 7.48
N VAL A 99 3.08 -6.92 6.18
CA VAL A 99 4.13 -6.09 5.60
C VAL A 99 4.07 -4.63 6.10
N TYR A 100 2.87 -4.07 6.23
CA TYR A 100 2.76 -2.71 6.75
C TYR A 100 3.35 -2.63 8.14
N GLU A 101 2.99 -3.60 8.97
CA GLU A 101 3.42 -3.64 10.36
C GLU A 101 4.95 -3.65 10.47
N GLN A 102 5.59 -4.32 9.52
CA GLN A 102 7.04 -4.48 9.53
C GLN A 102 7.77 -3.23 9.04
N PHE A 103 7.16 -2.48 8.14
CA PHE A 103 7.81 -1.32 7.55
C PHE A 103 7.43 0.02 8.19
N LEU A 104 6.43 0.03 9.06
CA LEU A 104 5.93 1.29 9.58
C LEU A 104 6.98 2.05 10.41
N PRO A 105 7.74 1.33 11.24
CA PRO A 105 8.74 2.05 12.06
C PRO A 105 9.81 2.72 11.23
N LYS A 106 10.02 2.29 9.99
CA LYS A 106 11.05 2.85 9.11
C LYS A 106 10.45 3.80 8.09
N ALA A 107 9.13 3.85 8.02
CA ALA A 107 8.44 4.69 7.06
C ALA A 107 8.48 6.15 7.51
N GLN A 108 8.55 7.06 6.54
CA GLN A 108 8.52 8.47 6.86
C GLN A 108 7.38 9.18 6.12
N LYS A 109 6.56 8.41 5.43
CA LYS A 109 5.46 8.99 4.67
C LYS A 109 4.34 7.96 4.46
N LEU A 110 3.09 8.37 4.68
CA LEU A 110 1.93 7.49 4.48
C LEU A 110 0.99 8.06 3.43
N TYR A 111 0.64 7.26 2.43
CA TYR A 111 -0.40 7.60 1.46
C TYR A 111 -1.64 6.78 1.78
N LEU A 112 -2.64 7.41 2.40
CA LEU A 112 -3.85 6.71 2.81
C LEU A 112 -5.07 7.11 1.99
N THR A 113 -5.85 6.12 1.58
CA THR A 113 -7.17 6.36 0.99
C THR A 113 -8.24 5.93 1.97
N HIS A 114 -8.93 6.89 2.57
CA HIS A 114 -10.04 6.59 3.46
C HIS A 114 -11.28 6.37 2.64
N ILE A 115 -11.77 5.12 2.60
CA ILE A 115 -13.04 4.84 1.96
C ILE A 115 -14.12 4.92 3.01
N ASP A 116 -15.22 5.59 2.65
CA ASP A 116 -16.35 5.78 3.54
C ASP A 116 -17.27 4.56 3.43
N ALA A 117 -16.74 3.39 3.78
CA ALA A 117 -17.49 2.13 3.73
C ALA A 117 -17.19 1.31 4.98
N GLU A 118 -18.06 0.35 5.27
CA GLU A 118 -17.77 -0.64 6.29
C GLU A 118 -17.80 -2.02 5.65
N VAL A 119 -16.72 -2.75 5.85
CA VAL A 119 -16.61 -4.13 5.40
C VAL A 119 -15.98 -4.96 6.52
N GLU A 120 -16.45 -6.20 6.64
CA GLU A 120 -15.99 -7.09 7.70
C GLU A 120 -14.63 -7.64 7.33
N GLY A 121 -13.68 -7.44 8.24
CA GLY A 121 -12.33 -7.93 8.04
C GLY A 121 -11.59 -7.96 9.36
N ASP A 122 -10.79 -8.99 9.55
CA ASP A 122 -9.97 -9.10 10.75
C ASP A 122 -8.66 -8.34 10.57
N THR A 123 -8.29 -8.09 9.31
CA THR A 123 -7.02 -7.45 8.97
C THR A 123 -7.11 -5.93 9.00
N HIS A 124 -6.30 -5.31 9.86
CA HIS A 124 -6.30 -3.86 10.04
C HIS A 124 -4.97 -3.21 9.66
N PHE A 125 -5.03 -1.93 9.31
CA PHE A 125 -3.83 -1.16 9.07
C PHE A 125 -3.23 -0.82 10.42
N PRO A 126 -1.89 -0.89 10.56
CA PRO A 126 -1.29 -0.70 11.89
C PRO A 126 -1.61 0.67 12.51
N ASP A 127 -1.77 0.72 13.82
CA ASP A 127 -2.09 1.96 14.51
C ASP A 127 -0.89 2.89 14.51
N TYR A 128 -1.03 4.03 13.86
CA TYR A 128 -0.01 5.06 13.88
C TYR A 128 -0.35 6.12 14.91
N GLU A 129 0.49 6.21 15.94
CA GLU A 129 0.36 7.24 16.96
C GLU A 129 0.30 8.63 16.29
N PRO A 130 -0.87 9.29 16.34
CA PRO A 130 -1.01 10.55 15.60
C PRO A 130 -0.14 11.69 16.15
N ASP A 131 0.58 11.44 17.24
CA ASP A 131 1.55 12.39 17.78
C ASP A 131 2.86 12.34 17.00
N ASP A 132 3.12 11.21 16.36
CA ASP A 132 4.34 11.01 15.58
C ASP A 132 4.14 11.24 14.08
N TRP A 133 2.91 11.54 13.67
CA TRP A 133 2.58 11.73 12.26
C TRP A 133 1.79 13.02 12.02
N GLU A 134 2.20 13.76 11.00
CA GLU A 134 1.56 15.02 10.64
C GLU A 134 0.88 14.92 9.29
N SER A 135 -0.41 15.16 9.25
CA SER A 135 -1.13 15.18 7.99
C SER A 135 -0.78 16.44 7.22
N VAL A 136 -0.50 16.31 5.94
CA VAL A 136 0.01 17.43 5.16
C VAL A 136 -0.71 17.57 3.83
N PHE A 137 -1.71 16.71 3.62
CA PHE A 137 -2.52 16.78 2.42
C PHE A 137 -3.76 15.90 2.55
N SER A 138 -4.89 16.42 2.08
CA SER A 138 -6.18 15.74 2.15
C SER A 138 -6.98 16.07 0.90
N GLU A 139 -7.72 15.10 0.37
CA GLU A 139 -8.54 15.38 -0.80
C GLU A 139 -9.77 14.49 -0.83
N PHE A 140 -10.90 15.04 -0.38
CA PHE A 140 -12.16 14.31 -0.32
C PHE A 140 -12.86 14.30 -1.67
N HIS A 141 -13.48 13.17 -1.98
CA HIS A 141 -14.25 13.00 -3.22
C HIS A 141 -15.59 12.32 -2.95
N ASP A 142 -16.65 12.81 -3.58
CA ASP A 142 -17.96 12.20 -3.45
C ASP A 142 -18.06 10.91 -4.26
N ALA A 143 -18.98 10.06 -3.86
CA ALA A 143 -19.36 8.91 -4.68
C ALA A 143 -19.89 9.41 -6.03
N ASP A 144 -19.68 8.61 -7.07
CA ASP A 144 -20.22 8.88 -8.40
C ASP A 144 -20.52 7.55 -9.07
N ALA A 145 -20.76 7.59 -10.38
CA ALA A 145 -21.15 6.38 -11.10
C ALA A 145 -20.04 5.31 -11.06
N GLN A 146 -18.79 5.74 -11.20
CA GLN A 146 -17.64 4.82 -11.24
C GLN A 146 -17.21 4.36 -9.85
N ASN A 147 -17.33 5.26 -8.88
CA ASN A 147 -16.92 5.02 -7.50
C ASN A 147 -18.12 4.98 -6.55
N SER A 148 -18.46 3.78 -6.08
CA SER A 148 -19.67 3.54 -5.30
C SER A 148 -19.72 4.25 -3.95
N HIS A 149 -18.55 4.43 -3.33
CA HIS A 149 -18.47 5.07 -2.02
C HIS A 149 -17.63 6.33 -2.11
N SER A 150 -17.86 7.26 -1.20
CA SER A 150 -17.01 8.44 -1.13
C SER A 150 -15.65 8.01 -0.59
N TYR A 151 -14.63 8.82 -0.88
CA TYR A 151 -13.28 8.48 -0.48
C TYR A 151 -12.41 9.71 -0.30
N CYS A 152 -11.38 9.59 0.53
CA CYS A 152 -10.51 10.71 0.81
C CYS A 152 -9.03 10.31 0.84
N PHE A 153 -8.26 10.89 -0.07
CA PHE A 153 -6.82 10.72 -0.11
C PHE A 153 -6.15 11.54 0.98
N GLU A 154 -5.17 10.95 1.65
CA GLU A 154 -4.41 11.67 2.65
C GLU A 154 -2.93 11.30 2.57
N ILE A 155 -2.07 12.30 2.72
CA ILE A 155 -0.64 12.09 2.87
C ILE A 155 -0.19 12.59 4.24
N LEU A 156 0.51 11.74 4.99
CA LEU A 156 1.04 12.09 6.30
C LEU A 156 2.55 11.95 6.28
N GLU A 157 3.25 12.78 7.06
CA GLU A 157 4.69 12.73 7.14
C GLU A 157 5.09 12.51 8.58
N ARG A 158 6.08 11.64 8.81
CA ARG A 158 6.55 11.35 10.15
C ARG A 158 7.16 12.60 10.79
N ARG A 159 6.78 12.85 12.04
CA ARG A 159 7.25 14.00 12.81
C ARG A 159 8.31 13.55 13.81
S SO4 B . 0.33 -10.16 2.46
O1 SO4 B . 1.22 -9.41 3.34
O2 SO4 B . 0.83 -11.52 2.31
O3 SO4 B . -1.00 -10.19 3.09
O4 SO4 B . 0.25 -9.52 1.15
S SO4 C . 4.34 -15.86 4.01
O1 SO4 C . 5.67 -15.57 4.57
O2 SO4 C . 3.91 -17.18 4.46
O3 SO4 C . 3.38 -14.86 4.47
O4 SO4 C . 4.43 -15.85 2.55
CAK PQD D . -4.66 -4.83 -8.54
CAO PQD D . -4.48 -4.43 -9.85
NAA PQD D . -5.18 -5.00 -10.84
CAE PQD D . -3.57 -3.42 -10.16
CAD PQD D . -2.84 -2.82 -9.13
CAF PQD D . -3.02 -3.23 -7.82
CAP PQD D . -3.93 -4.23 -7.51
CAL PQD D . -4.12 -4.65 -6.20
NAW PQD D . -3.55 -3.73 -5.17
CAU PQD D . -4.00 -2.54 -4.80
CAH PQD D . -5.05 -1.87 -5.29
CAG PQD D . -5.37 -0.61 -4.80
C4 PQD D . -4.57 -0.09 -3.80
N3 PQD D . -4.87 1.13 -3.32
C2 PQD D . -4.16 1.71 -2.36
NAB PQD D . -4.49 2.92 -1.90
N1 PQD D . -3.10 1.06 -1.85
C6 PQD D . -2.75 -0.16 -2.28
NAC PQD D . -1.67 -0.70 -1.69
C5 PQD D . -3.47 -0.81 -3.30
CAT PQD D . -3.21 -2.04 -3.83
CAI PQD D . -2.28 -2.98 -3.61
CAJ PQD D . -2.49 -4.01 -4.42
HAK PQD D . -5.37 -5.62 -8.30
HAN PQD D . -5.05 -4.72 -11.78
HAA PQD D . -5.83 -5.72 -10.62
HAE PQD D . -3.42 -3.11 -11.18
HAD PQD D . -2.12 -2.04 -9.37
HAF PQD D . -2.44 -2.76 -7.01
HAH PQD D . -5.66 -2.31 -6.08
HAG PQD D . -6.22 -0.05 -5.18
HAB PQD D . -3.95 3.35 -1.18
HAO PQD D . -5.28 3.39 -2.28
HAP PQD D . -1.36 -1.61 -1.97
HAC PQD D . -1.18 -0.21 -0.97
HAI PQD D . -1.47 -2.90 -2.88
HAJ PQD D . -1.89 -4.92 -4.47
#